data_7Z32
#
_entry.id   7Z32
#
_cell.length_a   63.750
_cell.length_b   47.960
_cell.length_c   65.970
_cell.angle_alpha   90.000
_cell.angle_beta   101.080
_cell.angle_gamma   90.000
#
_symmetry.space_group_name_H-M   'P 1 21 1'
#
loop_
_entity.id
_entity.type
_entity.pdbx_description
1 polymer Acidphosphatase
2 non-polymer 'NICKEL (II) ION'
3 water water
#
_entity_poly.entity_id   1
_entity_poly.type   'polypeptide(L)'
_entity_poly.pdbx_seq_one_letter_code
;GPQSEPELKLESVVIVSR(NEP)GVRAPTKATQLMQDVTPDAWPTWPVKLGWLTPRGGELIAYLGHYQRQRLVADGLLAK
KGCPQSGQVAIIADVDERTRKTGEAFAAGLAPDCAITVHTQADTSSPDPLFNPLKTGVCQLDNANVTDAILSRAGGSIAD
FTGHRQTAFRELERVLNFPQSNLCLKREKQDESCSLTQALPSELKVSADNVSLTGAVSLASMLTEIFLLQQAQGMPEPGW
GRITDSHQWNTLLSLHNAQFYLLQRTPEVARSRATPLLDLIKTALTPHPPQKQAYGVTLPTSVLFIAGHATNLANLGGAL
ELNWTLPGQPDNTPPGGELVFERWRRLSDNSQWIQVSLVFQTLQQMRDKTPLSLNTPPGEVKLTLAGCEERNAQGMCSLA
GFTQIVNEARIPACSL
;
_entity_poly.pdbx_strand_id   A
#
loop_
_chem_comp.id
_chem_comp.type
_chem_comp.name
_chem_comp.formula
NI non-polymer 'NICKEL (II) ION' 'Ni 2'
#
# COMPACT_ATOMS: atom_id res chain seq x y z
N GLY A 1 -29.57 15.83 21.80
CA GLY A 1 -29.77 17.15 21.25
C GLY A 1 -29.76 16.98 19.75
N PRO A 2 -30.05 18.05 18.99
CA PRO A 2 -30.22 17.90 17.52
C PRO A 2 -28.90 17.92 16.77
N GLN A 3 -28.61 16.81 16.10
CA GLN A 3 -27.33 16.65 15.40
C GLN A 3 -27.44 17.03 13.92
N SER A 4 -26.32 16.90 13.20
CA SER A 4 -26.33 17.17 11.76
C SER A 4 -27.41 16.36 11.08
N GLU A 5 -28.18 17.02 10.21
CA GLU A 5 -29.19 16.32 9.43
C GLU A 5 -28.51 15.34 8.48
N PRO A 6 -28.77 14.04 8.59
CA PRO A 6 -28.09 13.07 7.72
C PRO A 6 -28.36 13.37 6.25
N GLU A 7 -27.28 13.48 5.48
CA GLU A 7 -27.38 13.69 4.04
C GLU A 7 -27.15 12.41 3.26
N LEU A 8 -26.22 11.58 3.74
CA LEU A 8 -25.88 10.33 3.13
C LEU A 8 -25.81 9.27 4.22
N LYS A 9 -26.11 8.04 3.83
CA LYS A 9 -26.06 6.89 4.70
C LYS A 9 -25.00 5.94 4.22
N LEU A 10 -24.10 5.56 5.12
CA LEU A 10 -23.08 4.61 4.71
C LEU A 10 -23.71 3.23 4.58
N GLU A 11 -23.44 2.53 3.49
CA GLU A 11 -24.06 1.24 3.28
C GLU A 11 -23.09 0.08 3.11
N SER A 12 -21.82 0.33 2.77
CA SER A 12 -20.84 -0.73 2.56
C SER A 12 -19.45 -0.10 2.49
N VAL A 13 -18.45 -0.83 3.00
CA VAL A 13 -17.07 -0.34 2.99
C VAL A 13 -16.14 -1.48 2.61
N VAL A 14 -15.20 -1.20 1.70
CA VAL A 14 -14.15 -2.16 1.31
C VAL A 14 -12.81 -1.52 1.57
N ILE A 15 -12.00 -2.14 2.42
CA ILE A 15 -10.70 -1.62 2.82
C ILE A 15 -9.64 -2.53 2.22
N VAL A 16 -8.82 -1.98 1.33
CA VAL A 16 -7.65 -2.68 0.80
C VAL A 16 -6.45 -2.15 1.56
N SER A 17 -5.85 -2.99 2.40
CA SER A 17 -4.81 -2.57 3.32
C SER A 17 -3.49 -3.24 2.97
N ARG A 18 -2.40 -2.50 3.11
CA ARG A 18 -1.09 -3.11 3.16
C ARG A 18 -0.94 -3.84 4.48
N NEP A 19 -0.18 -4.93 4.45
CA NEP A 19 0.27 -5.60 5.62
C NEP A 19 0.98 -4.59 6.51
O NEP A 19 1.40 -3.51 6.11
CB NEP A 19 1.24 -6.77 5.31
CG NEP A 19 2.47 -6.45 4.51
ND1 NEP A 19 3.59 -5.73 5.01
CD2 NEP A 19 2.70 -6.84 3.18
CE1 NEP A 19 4.44 -5.72 3.97
NE2 NEP A 19 3.96 -6.36 2.79
P NEP A 19 4.57 -6.64 1.35
O1P NEP A 19 6.17 -6.47 1.36
O2P NEP A 19 4.66 -8.24 1.44
O3P NEP A 19 4.08 -5.99 0.16
HB2 NEP A 19 0.67 -7.56 4.76
HB3 NEP A 19 1.58 -7.20 6.28
HD2 NEP A 19 2.10 -7.42 2.47
HE1 NEP A 19 5.44 -5.27 4.01
HOP1 NEP A 19 6.59 -6.54 0.53
HOP2 NEP A 19 4.54 -8.71 0.63
N GLY A 20 1.08 -4.96 7.79
CA GLY A 20 1.75 -4.13 8.78
C GLY A 20 3.27 -4.23 8.75
N VAL A 21 3.93 -3.67 9.76
CA VAL A 21 5.39 -3.66 9.81
C VAL A 21 5.90 -5.09 9.80
N ARG A 22 6.80 -5.39 8.87
CA ARG A 22 7.43 -6.69 8.74
C ARG A 22 8.94 -6.52 8.67
N ALA A 23 9.66 -7.53 9.15
CA ALA A 23 11.11 -7.45 9.16
C ALA A 23 11.64 -7.49 7.72
N PRO A 24 12.71 -6.72 7.41
CA PRO A 24 13.28 -6.75 6.05
C PRO A 24 13.34 -8.15 5.46
N THR A 25 13.00 -8.29 4.17
CA THR A 25 12.83 -9.60 3.58
C THR A 25 14.15 -10.22 3.12
N LYS A 26 15.24 -9.45 3.07
CA LYS A 26 16.52 -10.00 2.64
C LYS A 26 17.66 -9.22 3.27
N ALA A 27 18.77 -9.92 3.50
CA ALA A 27 20.01 -9.32 4.01
C ALA A 27 21.11 -9.73 3.03
N THR A 28 21.49 -8.82 2.15
CA THR A 28 22.33 -9.13 1.00
C THR A 28 23.74 -8.58 1.15
N GLN A 29 24.65 -9.13 0.35
CA GLN A 29 26.03 -8.63 0.40
C GLN A 29 26.06 -7.16 -0.01
N LEU A 30 25.24 -6.78 -0.98
CA LEU A 30 25.26 -5.40 -1.46
C LEU A 30 24.88 -4.44 -0.34
N MET A 31 23.92 -4.84 0.51
CA MET A 31 23.57 -4.00 1.65
C MET A 31 24.75 -3.86 2.62
N GLN A 32 25.51 -4.93 2.80
CA GLN A 32 26.70 -4.87 3.64
C GLN A 32 27.72 -3.89 3.06
N ASP A 33 27.86 -3.87 1.73
CA ASP A 33 28.98 -3.21 1.08
C ASP A 33 28.82 -1.70 0.93
N VAL A 34 27.59 -1.18 1.01
CA VAL A 34 27.35 0.25 0.80
C VAL A 34 27.36 1.03 2.11
N THR A 35 27.60 0.38 3.25
CA THR A 35 27.78 1.12 4.50
C THR A 35 28.82 0.45 5.39
N PRO A 36 29.65 1.24 6.09
CA PRO A 36 30.57 0.65 7.06
C PRO A 36 29.88 0.19 8.34
N ASP A 37 28.65 0.65 8.59
CA ASP A 37 27.92 0.37 9.82
C ASP A 37 27.13 -0.95 9.73
N ALA A 38 26.83 -1.51 10.89
CA ALA A 38 26.09 -2.77 10.99
C ALA A 38 24.58 -2.51 10.98
N TRP A 39 23.87 -3.21 10.10
CA TRP A 39 22.41 -3.10 10.08
C TRP A 39 21.82 -3.70 11.36
N PRO A 40 20.96 -2.98 12.07
CA PRO A 40 20.35 -3.55 13.27
C PRO A 40 19.53 -4.80 12.95
N THR A 41 19.58 -5.76 13.87
CA THR A 41 18.82 -7.00 13.68
C THR A 41 17.37 -6.84 14.14
N TRP A 42 16.51 -7.77 13.66
CA TRP A 42 15.08 -7.67 13.89
C TRP A 42 14.59 -8.85 14.75
N PRO A 43 13.46 -8.67 15.46
CA PRO A 43 13.02 -9.68 16.43
C PRO A 43 12.29 -10.86 15.82
N VAL A 44 12.19 -10.94 14.50
CA VAL A 44 11.42 -11.97 13.81
C VAL A 44 12.14 -12.36 12.54
N LYS A 45 11.75 -13.49 11.97
CA LYS A 45 12.40 -13.99 10.76
C LYS A 45 12.16 -13.05 9.59
N LEU A 46 13.03 -13.13 8.59
CA LEU A 46 12.90 -12.24 7.43
C LEU A 46 11.47 -12.26 6.91
N GLY A 47 10.92 -11.07 6.71
CA GLY A 47 9.61 -10.93 6.10
C GLY A 47 8.41 -11.11 7.01
N TRP A 48 8.59 -11.50 8.26
CA TRP A 48 7.42 -11.74 9.09
C TRP A 48 6.93 -10.46 9.77
N LEU A 49 5.63 -10.42 10.04
CA LEU A 49 5.03 -9.30 10.78
C LEU A 49 5.60 -9.26 12.19
N THR A 50 6.01 -8.07 12.64
CA THR A 50 6.47 -7.95 14.01
C THR A 50 5.29 -7.80 14.96
N PRO A 51 5.46 -8.17 16.22
CA PRO A 51 4.39 -7.94 17.21
C PRO A 51 3.94 -6.48 17.24
N ARG A 52 4.87 -5.51 17.27
CA ARG A 52 4.45 -4.12 17.15
C ARG A 52 3.69 -3.87 15.85
N GLY A 53 4.13 -4.48 14.76
CA GLY A 53 3.36 -4.39 13.51
C GLY A 53 1.90 -4.79 13.66
N GLY A 54 1.63 -5.91 14.34
CA GLY A 54 0.25 -6.30 14.56
C GLY A 54 -0.49 -5.32 15.45
N GLU A 55 0.20 -4.77 16.44
CA GLU A 55 -0.44 -3.81 17.34
C GLU A 55 -0.82 -2.52 16.62
N LEU A 56 0.01 -2.06 15.68
CA LEU A 56 -0.36 -0.89 14.89
C LEU A 56 -1.56 -1.17 14.00
N ILE A 57 -1.65 -2.37 13.43
CA ILE A 57 -2.82 -2.71 12.61
C ILE A 57 -4.06 -2.77 13.49
N ALA A 58 -3.95 -3.39 14.67
CA ALA A 58 -5.11 -3.48 15.56
C ALA A 58 -5.63 -2.11 15.99
N TYR A 59 -4.75 -1.10 16.07
CA TYR A 59 -5.20 0.26 16.35
C TYR A 59 -6.13 0.77 15.24
N LEU A 60 -5.77 0.51 13.98
CA LEU A 60 -6.60 0.94 12.88
C LEU A 60 -7.94 0.21 12.90
N GLY A 61 -7.90 -1.09 13.21
CA GLY A 61 -9.14 -1.83 13.38
C GLY A 61 -10.02 -1.25 14.46
N HIS A 62 -9.43 -0.96 15.63
CA HIS A 62 -10.18 -0.29 16.69
C HIS A 62 -10.81 1.00 16.19
N TYR A 63 -10.00 1.85 15.56
CA TYR A 63 -10.50 3.12 15.03
C TYR A 63 -11.63 2.88 14.03
N GLN A 64 -11.43 1.94 13.10
CA GLN A 64 -12.47 1.69 12.10
C GLN A 64 -13.78 1.29 12.76
N ARG A 65 -13.73 0.51 13.83
CA ARG A 65 -14.95 0.14 14.55
C ARG A 65 -15.64 1.37 15.13
N GLN A 66 -14.87 2.23 15.81
CA GLN A 66 -15.47 3.44 16.38
C GLN A 66 -16.18 4.26 15.31
N ARG A 67 -15.52 4.49 14.17
CA ARG A 67 -16.09 5.40 13.19
C ARG A 67 -17.21 4.74 12.42
N LEU A 68 -17.12 3.43 12.17
CA LEU A 68 -18.23 2.71 11.54
C LEU A 68 -19.44 2.64 12.46
N VAL A 69 -19.23 2.54 13.77
CA VAL A 69 -20.35 2.68 14.70
C VAL A 69 -20.95 4.07 14.58
N ALA A 70 -20.10 5.11 14.56
CA ALA A 70 -20.60 6.47 14.39
C ALA A 70 -21.42 6.62 13.12
N ASP A 71 -20.99 5.96 12.03
CA ASP A 71 -21.71 6.02 10.76
C ASP A 71 -22.90 5.09 10.72
N GLY A 72 -23.14 4.33 11.79
CA GLY A 72 -24.32 3.49 11.88
C GLY A 72 -24.25 2.16 11.17
N LEU A 73 -23.06 1.73 10.74
CA LEU A 73 -22.93 0.51 9.94
C LEU A 73 -22.70 -0.72 10.81
N LEU A 74 -22.06 -0.55 11.97
CA LEU A 74 -21.83 -1.63 12.92
C LEU A 74 -22.44 -1.30 14.28
N ALA A 75 -22.81 -2.33 15.04
CA ALA A 75 -23.37 -2.11 16.37
C ALA A 75 -22.28 -1.68 17.35
N LYS A 76 -22.66 -0.78 18.27
CA LYS A 76 -21.72 -0.28 19.28
C LYS A 76 -21.20 -1.40 20.16
N LYS A 77 -22.06 -2.34 20.54
CA LYS A 77 -21.65 -3.45 21.38
C LYS A 77 -21.97 -4.77 20.70
N GLY A 78 -21.27 -5.82 21.12
CA GLY A 78 -21.48 -7.15 20.58
C GLY A 78 -20.58 -7.45 19.41
N CYS A 79 -20.61 -8.71 19.00
CA CYS A 79 -19.90 -9.10 17.80
C CYS A 79 -20.76 -8.81 16.56
N PRO A 80 -20.15 -8.42 15.46
CA PRO A 80 -20.89 -8.29 14.20
C PRO A 80 -21.58 -9.60 13.87
N GLN A 81 -22.82 -9.52 13.39
CA GLN A 81 -23.56 -10.70 13.02
C GLN A 81 -22.79 -11.46 11.95
N SER A 82 -23.08 -12.76 11.84
CA SER A 82 -22.28 -13.60 10.96
C SER A 82 -22.30 -13.06 9.53
N GLY A 83 -21.10 -12.91 8.96
CA GLY A 83 -20.94 -12.44 7.61
C GLY A 83 -20.95 -10.93 7.45
N GLN A 84 -21.31 -10.18 8.50
CA GLN A 84 -21.38 -8.73 8.38
C GLN A 84 -20.00 -8.13 8.17
N VAL A 85 -18.96 -8.75 8.71
CA VAL A 85 -17.58 -8.39 8.44
C VAL A 85 -16.91 -9.62 7.84
N ALA A 86 -16.20 -9.42 6.74
CA ALA A 86 -15.44 -10.47 6.10
C ALA A 86 -14.01 -10.01 5.91
N ILE A 87 -13.07 -10.95 5.97
CA ILE A 87 -11.65 -10.64 5.86
C ILE A 87 -11.04 -11.62 4.86
N ILE A 88 -10.35 -11.08 3.88
CA ILE A 88 -9.61 -11.85 2.89
C ILE A 88 -8.17 -11.40 2.94
N ALA A 89 -7.24 -12.34 2.92
CA ALA A 89 -5.83 -11.99 2.99
C ALA A 89 -5.04 -12.82 1.98
N ASP A 90 -3.99 -12.21 1.45
CA ASP A 90 -2.96 -12.91 0.68
C ASP A 90 -2.34 -14.00 1.55
N VAL A 91 -1.64 -14.94 0.89
CA VAL A 91 -1.18 -16.16 1.56
C VAL A 91 0.02 -15.97 2.48
N ASP A 92 0.72 -14.83 2.41
CA ASP A 92 1.87 -14.58 3.26
C ASP A 92 1.49 -14.54 4.74
N GLU A 93 2.42 -15.00 5.58
CA GLU A 93 2.28 -14.81 7.02
C GLU A 93 1.93 -13.38 7.36
N ARG A 94 2.67 -12.42 6.78
CA ARG A 94 2.49 -11.04 7.18
C ARG A 94 1.12 -10.52 6.80
N THR A 95 0.53 -11.01 5.71
CA THR A 95 -0.81 -10.52 5.38
C THR A 95 -1.89 -11.25 6.18
N ARG A 96 -1.77 -12.58 6.35
CA ARG A 96 -2.75 -13.29 7.18
C ARG A 96 -2.76 -12.74 8.61
N LYS A 97 -1.58 -12.50 9.18
CA LYS A 97 -1.51 -11.95 10.52
C LYS A 97 -2.02 -10.52 10.58
N THR A 98 -1.86 -9.77 9.50
CA THR A 98 -2.48 -8.46 9.41
C THR A 98 -4.00 -8.58 9.48
N GLY A 99 -4.56 -9.52 8.72
CA GLY A 99 -5.99 -9.75 8.80
C GLY A 99 -6.43 -10.05 10.23
N GLU A 100 -5.67 -10.90 10.93
CA GLU A 100 -6.00 -11.25 12.31
C GLU A 100 -5.92 -10.04 13.22
N ALA A 101 -4.88 -9.21 13.06
CA ALA A 101 -4.72 -8.04 13.91
C ALA A 101 -5.84 -7.05 13.69
N PHE A 102 -6.26 -6.85 12.44
CA PHE A 102 -7.35 -5.93 12.18
C PHE A 102 -8.64 -6.44 12.80
N ALA A 103 -8.90 -7.75 12.71
CA ALA A 103 -10.07 -8.32 13.36
C ALA A 103 -9.98 -8.16 14.87
N ALA A 104 -8.79 -8.35 15.44
CA ALA A 104 -8.63 -8.21 16.88
C ALA A 104 -8.95 -6.80 17.36
N GLY A 105 -8.66 -5.78 16.53
CA GLY A 105 -8.96 -4.41 16.91
C GLY A 105 -10.40 -4.04 16.61
N LEU A 106 -10.92 -4.49 15.47
CA LEU A 106 -12.29 -4.16 15.08
C LEU A 106 -13.29 -4.81 16.03
N ALA A 107 -13.10 -6.09 16.32
CA ALA A 107 -14.10 -6.89 17.04
C ALA A 107 -13.36 -7.89 17.91
N PRO A 108 -12.76 -7.42 19.01
CA PRO A 108 -12.00 -8.32 19.87
C PRO A 108 -12.83 -9.52 20.33
N ASP A 109 -12.22 -10.70 20.29
CA ASP A 109 -12.80 -11.93 20.82
C ASP A 109 -14.03 -12.36 20.03
N CYS A 110 -14.10 -11.96 18.77
CA CYS A 110 -15.20 -12.37 17.93
C CYS A 110 -14.81 -13.47 16.95
N ALA A 111 -13.51 -13.80 16.88
CA ALA A 111 -13.01 -14.91 16.04
C ALA A 111 -13.49 -14.80 14.60
N ILE A 112 -13.45 -13.59 14.05
CA ILE A 112 -13.76 -13.40 12.64
C ILE A 112 -12.75 -14.15 11.79
N THR A 113 -13.24 -14.86 10.78
CA THR A 113 -12.38 -15.72 9.97
C THR A 113 -11.55 -14.89 8.99
N VAL A 114 -10.28 -15.19 8.91
CA VAL A 114 -9.40 -14.60 7.91
C VAL A 114 -9.29 -15.62 6.77
N HIS A 115 -10.00 -15.35 5.67
CA HIS A 115 -10.03 -16.27 4.54
C HIS A 115 -8.80 -16.08 3.65
N THR A 116 -8.34 -17.19 3.09
CA THR A 116 -7.28 -17.18 2.08
C THR A 116 -7.66 -18.18 1.01
N GLN A 117 -6.90 -18.21 -0.08
CA GLN A 117 -7.12 -19.31 -1.01
C GLN A 117 -6.78 -20.64 -0.33
N ALA A 118 -7.17 -21.75 -0.97
CA ALA A 118 -7.04 -23.06 -0.31
C ALA A 118 -5.59 -23.40 0.00
N ASP A 119 -4.68 -23.21 -0.97
CA ASP A 119 -3.27 -23.55 -0.80
C ASP A 119 -2.48 -22.32 -0.38
N THR A 120 -2.04 -22.28 0.88
CA THR A 120 -1.28 -21.13 1.38
C THR A 120 0.21 -21.24 1.05
N SER A 121 0.65 -22.32 0.42
CA SER A 121 2.06 -22.45 0.05
C SER A 121 2.32 -21.99 -1.38
N SER A 122 1.29 -21.56 -2.11
CA SER A 122 1.38 -21.13 -3.49
C SER A 122 0.83 -19.71 -3.64
N PRO A 123 1.33 -18.94 -4.62
CA PRO A 123 0.85 -17.56 -4.80
C PRO A 123 -0.64 -17.52 -5.10
N ASP A 124 -1.31 -16.51 -4.57
CA ASP A 124 -2.72 -16.26 -4.87
C ASP A 124 -2.82 -15.28 -6.04
N PRO A 125 -3.37 -15.69 -7.18
CA PRO A 125 -3.40 -14.79 -8.35
C PRO A 125 -4.18 -13.50 -8.11
N LEU A 126 -5.05 -13.47 -7.12
CA LEU A 126 -5.82 -12.25 -6.87
C LEU A 126 -4.90 -11.08 -6.54
N PHE A 127 -3.76 -11.33 -5.91
CA PHE A 127 -2.87 -10.26 -5.48
C PHE A 127 -1.77 -9.97 -6.49
N ASN A 128 -1.72 -10.70 -7.60
CA ASN A 128 -0.88 -10.47 -8.76
C ASN A 128 -1.09 -11.58 -9.78
N PRO A 129 -1.97 -11.37 -10.77
CA PRO A 129 -2.20 -12.42 -11.77
C PRO A 129 -0.99 -12.70 -12.65
N LEU A 130 -0.05 -11.75 -12.78
CA LEU A 130 1.15 -12.01 -13.56
C LEU A 130 1.95 -13.16 -12.97
N LYS A 131 1.95 -13.29 -11.65
CA LYS A 131 2.82 -14.22 -10.93
C LYS A 131 2.48 -15.69 -11.21
N THR A 132 1.21 -16.00 -11.48
CA THR A 132 0.80 -17.36 -11.81
C THR A 132 0.55 -17.53 -13.30
N GLY A 133 0.87 -16.52 -14.11
CA GLY A 133 0.70 -16.62 -15.53
C GLY A 133 -0.71 -16.53 -16.02
N VAL A 134 -1.62 -15.89 -15.27
CA VAL A 134 -2.97 -15.68 -15.80
C VAL A 134 -2.92 -14.83 -17.06
N CYS A 135 -2.06 -13.83 -17.07
CA CYS A 135 -1.88 -12.99 -18.26
C CYS A 135 -0.42 -12.54 -18.30
N GLN A 136 -0.08 -11.77 -19.33
CA GLN A 136 1.28 -11.26 -19.49
C GLN A 136 1.26 -9.77 -19.82
N LEU A 137 2.34 -9.10 -19.45
CA LEU A 137 2.51 -7.70 -19.82
C LEU A 137 2.94 -7.59 -21.28
N ASP A 138 2.60 -6.46 -21.90
CA ASP A 138 3.04 -6.17 -23.27
C ASP A 138 4.41 -5.50 -23.14
N ASN A 139 5.45 -6.20 -23.63
CA ASN A 139 6.83 -5.76 -23.38
C ASN A 139 7.08 -4.38 -23.98
N ALA A 140 6.81 -4.21 -25.28
CA ALA A 140 7.06 -2.93 -25.93
C ALA A 140 6.31 -1.79 -25.25
N ASN A 141 5.04 -2.01 -24.90
CA ASN A 141 4.22 -0.92 -24.37
C ASN A 141 4.64 -0.56 -22.95
N VAL A 142 4.99 -1.56 -22.15
CA VAL A 142 5.41 -1.29 -20.78
C VAL A 142 6.76 -0.58 -20.78
N THR A 143 7.68 -1.01 -21.65
CA THR A 143 8.99 -0.39 -21.72
C THR A 143 8.86 1.09 -22.07
N ASP A 144 8.11 1.38 -23.14
CA ASP A 144 7.91 2.76 -23.56
C ASP A 144 7.23 3.58 -22.47
N ALA A 145 6.15 3.05 -21.88
CA ALA A 145 5.39 3.82 -20.90
C ALA A 145 6.24 4.19 -19.69
N ILE A 146 7.02 3.23 -19.16
CA ILE A 146 7.82 3.50 -17.97
C ILE A 146 8.96 4.45 -18.27
N LEU A 147 9.69 4.21 -19.37
CA LEU A 147 10.78 5.11 -19.73
C LEU A 147 10.28 6.53 -19.90
N SER A 148 9.10 6.70 -20.51
CA SER A 148 8.55 8.05 -20.66
C SER A 148 8.28 8.68 -19.29
N ARG A 149 7.65 7.93 -18.40
CA ARG A 149 7.39 8.46 -17.08
C ARG A 149 8.69 8.69 -16.30
N ALA A 150 9.78 8.07 -16.71
CA ALA A 150 11.04 8.32 -16.02
C ALA A 150 11.74 9.61 -16.49
N GLY A 151 11.17 10.31 -17.47
CA GLY A 151 11.84 11.42 -18.10
C GLY A 151 12.51 11.08 -19.41
N GLY A 152 12.36 9.83 -19.88
CA GLY A 152 12.91 9.39 -21.15
C GLY A 152 13.99 8.33 -21.03
N SER A 153 14.63 8.22 -19.87
CA SER A 153 15.64 7.20 -19.64
C SER A 153 15.82 7.12 -18.13
N ILE A 154 16.37 6.00 -17.66
CA ILE A 154 16.64 5.93 -16.23
C ILE A 154 17.73 6.91 -15.83
N ALA A 155 18.65 7.21 -16.77
CA ALA A 155 19.68 8.23 -16.51
C ALA A 155 19.04 9.59 -16.29
N ASP A 156 18.02 9.94 -17.08
CA ASP A 156 17.31 11.19 -16.81
C ASP A 156 16.68 11.15 -15.43
N PHE A 157 16.09 10.01 -15.07
CA PHE A 157 15.41 9.85 -13.78
C PHE A 157 16.36 10.09 -12.60
N THR A 158 17.50 9.40 -12.57
CA THR A 158 18.43 9.58 -11.44
C THR A 158 19.04 10.98 -11.45
N GLY A 159 19.31 11.51 -12.64
CA GLY A 159 19.88 12.86 -12.72
C GLY A 159 19.04 13.92 -12.06
N HIS A 160 17.71 13.78 -12.09
CA HIS A 160 16.81 14.72 -11.43
C HIS A 160 16.74 14.52 -9.92
N ARG A 161 17.34 13.46 -9.40
CA ARG A 161 17.18 13.12 -8.00
C ARG A 161 18.52 12.99 -7.30
N GLN A 162 19.52 13.71 -7.81
CA GLN A 162 20.85 13.69 -7.19
C GLN A 162 20.81 14.13 -5.73
N THR A 163 20.00 15.15 -5.42
CA THR A 163 19.88 15.57 -4.02
C THR A 163 19.49 14.39 -3.12
N ALA A 164 18.50 13.59 -3.52
CA ALA A 164 18.02 12.53 -2.63
C ALA A 164 19.05 11.42 -2.50
N PHE A 165 19.71 11.06 -3.61
CA PHE A 165 20.74 10.02 -3.56
C PHE A 165 21.90 10.45 -2.67
N ARG A 166 22.32 11.72 -2.75
CA ARG A 166 23.38 12.17 -1.85
C ARG A 166 22.91 12.19 -0.40
N GLU A 167 21.62 12.42 -0.16
CA GLU A 167 21.12 12.31 1.20
C GLU A 167 21.21 10.87 1.70
N LEU A 168 20.82 9.92 0.84
CA LEU A 168 21.03 8.51 1.15
C LEU A 168 22.49 8.19 1.39
N GLU A 169 23.39 8.75 0.56
CA GLU A 169 24.81 8.50 0.75
C GLU A 169 25.25 8.96 2.14
N ARG A 170 24.79 10.14 2.56
CA ARG A 170 25.14 10.65 3.89
C ARG A 170 24.67 9.70 4.99
N VAL A 171 23.42 9.24 4.91
CA VAL A 171 22.88 8.37 5.95
C VAL A 171 23.64 7.04 6.01
N LEU A 172 24.03 6.50 4.85
CA LEU A 172 24.81 5.26 4.83
C LEU A 172 26.24 5.44 5.31
N ASN A 173 26.74 6.68 5.35
CA ASN A 173 28.19 6.94 5.34
C ASN A 173 28.83 6.18 4.19
N PHE A 174 28.18 6.25 3.04
CA PHE A 174 28.65 5.62 1.82
C PHE A 174 30.13 5.85 1.54
N PRO A 175 30.69 7.05 1.71
CA PRO A 175 32.09 7.25 1.31
C PRO A 175 33.07 6.35 2.03
N GLN A 176 32.72 5.89 3.24
CA GLN A 176 33.58 5.01 4.02
C GLN A 176 33.16 3.55 3.92
N SER A 177 32.31 3.22 2.94
CA SER A 177 31.85 1.86 2.73
C SER A 177 32.86 1.07 1.90
N ASN A 178 32.69 -0.26 1.91
CA ASN A 178 33.61 -1.12 1.16
C ASN A 178 33.48 -0.90 -0.34
N LEU A 179 32.25 -0.76 -0.84
CA LEU A 179 32.05 -0.41 -2.24
C LEU A 179 32.86 0.82 -2.62
N CYS A 180 32.92 1.79 -1.72
CA CYS A 180 33.64 3.02 -2.03
C CYS A 180 35.14 2.85 -1.83
N LEU A 181 35.55 2.31 -0.69
CA LEU A 181 36.97 2.25 -0.38
C LEU A 181 37.71 1.24 -1.25
N LYS A 182 37.02 0.31 -1.87
CA LYS A 182 37.66 -0.63 -2.79
C LYS A 182 37.58 -0.18 -4.24
N ARG A 183 37.08 1.01 -4.51
CA ARG A 183 36.80 1.41 -5.88
C ARG A 183 38.08 1.63 -6.67
N GLU A 184 37.92 1.69 -7.99
CA GLU A 184 39.01 1.97 -8.93
C GLU A 184 38.66 3.25 -9.70
N LYS A 185 39.33 4.33 -9.34
CA LYS A 185 40.21 4.28 -8.18
C LYS A 185 40.17 5.59 -7.41
N GLN A 186 41.21 5.81 -6.60
CA GLN A 186 41.09 6.67 -5.42
C GLN A 186 40.75 8.13 -5.72
N ASP A 187 41.03 8.63 -6.92
CA ASP A 187 40.90 10.07 -7.15
C ASP A 187 39.52 10.50 -7.64
N GLU A 188 38.56 9.59 -7.77
CA GLU A 188 37.21 9.93 -8.20
C GLU A 188 36.24 9.85 -7.03
N SER A 189 35.48 10.90 -6.82
CA SER A 189 34.46 10.87 -5.78
C SER A 189 33.52 9.69 -6.01
N CYS A 190 33.14 9.05 -4.90
CA CYS A 190 32.30 7.86 -4.95
C CYS A 190 30.84 8.26 -5.07
N SER A 191 30.11 7.60 -5.97
CA SER A 191 28.73 7.96 -6.27
C SER A 191 27.89 6.69 -6.32
N LEU A 192 26.77 6.69 -5.62
CA LEU A 192 25.92 5.51 -5.57
C LEU A 192 25.29 5.23 -6.93
N THR A 193 24.76 6.27 -7.57
CA THR A 193 24.11 6.04 -8.85
C THR A 193 25.11 5.56 -9.91
N GLN A 194 26.36 6.01 -9.82
CA GLN A 194 27.35 5.60 -10.82
C GLN A 194 28.04 4.28 -10.47
N ALA A 195 28.21 3.94 -9.19
CA ALA A 195 28.77 2.63 -8.90
C ALA A 195 27.78 1.51 -9.16
N LEU A 196 26.47 1.80 -9.19
CA LEU A 196 25.44 0.79 -9.42
C LEU A 196 24.49 1.30 -10.49
N PRO A 197 24.92 1.27 -11.76
CA PRO A 197 24.07 1.77 -12.84
C PRO A 197 22.75 1.01 -12.85
N SER A 198 21.67 1.75 -13.11
CA SER A 198 20.30 1.22 -13.04
C SER A 198 19.71 1.07 -14.42
N GLU A 199 19.14 -0.10 -14.69
CA GLU A 199 18.44 -0.35 -15.94
C GLU A 199 17.05 -0.86 -15.64
N LEU A 200 16.14 -0.65 -16.60
CA LEU A 200 14.79 -1.15 -16.53
C LEU A 200 14.75 -2.53 -17.18
N LYS A 201 14.30 -3.53 -16.43
CA LYS A 201 14.11 -4.89 -16.91
C LYS A 201 12.62 -5.16 -17.00
N VAL A 202 12.15 -5.51 -18.21
CA VAL A 202 10.75 -5.80 -18.46
C VAL A 202 10.65 -7.22 -18.99
N SER A 203 9.86 -8.06 -18.32
CA SER A 203 9.55 -9.40 -18.80
C SER A 203 8.04 -9.56 -18.84
N ALA A 204 7.58 -10.71 -19.35
CA ALA A 204 6.14 -10.92 -19.47
C ALA A 204 5.45 -10.87 -18.10
N ASP A 205 6.14 -11.29 -17.05
CA ASP A 205 5.52 -11.47 -15.73
C ASP A 205 5.92 -10.41 -14.72
N ASN A 206 6.83 -9.49 -15.05
CA ASN A 206 7.45 -8.67 -14.01
C ASN A 206 8.15 -7.48 -14.66
N VAL A 207 8.22 -6.37 -13.93
CA VAL A 207 9.10 -5.26 -14.25
C VAL A 207 9.92 -4.93 -13.01
N SER A 208 11.20 -4.65 -13.22
CA SER A 208 12.04 -4.27 -12.10
C SER A 208 13.11 -3.31 -12.59
N LEU A 209 13.76 -2.67 -11.63
CA LEU A 209 14.91 -1.81 -11.86
C LEU A 209 16.10 -2.36 -11.11
N THR A 210 17.28 -2.22 -11.70
CA THR A 210 18.51 -2.72 -11.10
C THR A 210 19.29 -1.55 -10.49
N GLY A 211 20.39 -1.91 -9.83
CA GLY A 211 21.36 -0.93 -9.39
C GLY A 211 20.82 -0.01 -8.30
N ALA A 212 21.28 1.24 -8.31
CA ALA A 212 21.04 2.15 -7.20
C ALA A 212 19.56 2.44 -7.03
N VAL A 213 18.77 2.45 -8.11
CA VAL A 213 17.37 2.83 -7.98
C VAL A 213 16.65 1.84 -7.07
N SER A 214 16.79 0.53 -7.35
CA SER A 214 16.08 -0.45 -6.53
C SER A 214 16.71 -0.57 -5.15
N LEU A 215 18.04 -0.50 -5.07
CA LEU A 215 18.68 -0.51 -3.75
C LEU A 215 18.19 0.64 -2.90
N ALA A 216 18.11 1.85 -3.48
CA ALA A 216 17.67 3.02 -2.70
C ALA A 216 16.24 2.85 -2.22
N SER A 217 15.36 2.35 -3.09
CA SER A 217 13.96 2.16 -2.71
C SER A 217 13.86 1.19 -1.54
N MET A 218 14.63 0.11 -1.58
CA MET A 218 14.63 -0.84 -0.48
C MET A 218 15.18 -0.22 0.79
N LEU A 219 16.36 0.42 0.70
CA LEU A 219 17.03 0.84 1.92
C LEU A 219 16.24 1.95 2.62
N THR A 220 15.65 2.86 1.84
CA THR A 220 14.90 3.93 2.50
C THR A 220 13.65 3.38 3.17
N GLU A 221 13.04 2.35 2.57
CA GLU A 221 11.94 1.68 3.26
C GLU A 221 12.42 1.06 4.56
N ILE A 222 13.62 0.47 4.55
CA ILE A 222 14.10 -0.14 5.78
C ILE A 222 14.24 0.91 6.87
N PHE A 223 14.75 2.11 6.54
CA PHE A 223 14.88 3.14 7.57
C PHE A 223 13.52 3.47 8.17
N LEU A 224 12.51 3.63 7.31
CA LEU A 224 11.17 3.96 7.77
C LEU A 224 10.60 2.86 8.67
N LEU A 225 10.86 1.59 8.32
CA LEU A 225 10.42 0.48 9.18
C LEU A 225 11.16 0.49 10.51
N GLN A 226 12.45 0.81 10.50
CA GLN A 226 13.15 0.98 11.77
C GLN A 226 12.46 2.04 12.62
N GLN A 227 12.02 3.13 11.99
CA GLN A 227 11.36 4.19 12.74
C GLN A 227 10.04 3.69 13.29
N ALA A 228 9.18 3.14 12.41
CA ALA A 228 7.87 2.68 12.83
C ALA A 228 7.96 1.59 13.89
N GLN A 229 9.02 0.79 13.89
CA GLN A 229 9.22 -0.29 14.84
C GLN A 229 9.69 0.19 16.20
N GLY A 230 9.98 1.49 16.37
CA GLY A 230 10.48 1.97 17.64
C GLY A 230 11.94 1.65 17.89
N MET A 231 12.71 1.39 16.84
CA MET A 231 14.13 1.14 17.00
C MET A 231 14.83 2.42 17.46
N PRO A 232 15.84 2.31 18.34
CA PRO A 232 16.39 3.54 18.96
C PRO A 232 16.92 4.58 18.00
N GLU A 233 17.78 4.22 17.06
CA GLU A 233 18.41 5.19 16.15
C GLU A 233 18.35 4.71 14.70
N PRO A 234 17.22 4.87 14.03
CA PRO A 234 17.13 4.51 12.62
C PRO A 234 18.20 5.24 11.81
N GLY A 235 18.74 4.55 10.80
CA GLY A 235 19.80 5.14 9.99
C GLY A 235 21.01 5.52 10.80
N TRP A 236 21.33 4.73 11.83
CA TRP A 236 22.48 4.96 12.70
C TRP A 236 22.45 6.37 13.33
N GLY A 237 21.26 6.89 13.62
CA GLY A 237 21.13 8.19 14.22
C GLY A 237 21.34 9.37 13.29
N ARG A 238 21.46 9.13 11.99
CA ARG A 238 21.77 10.20 11.06
C ARG A 238 20.53 10.76 10.37
N ILE A 239 19.34 10.30 10.72
CA ILE A 239 18.08 10.84 10.23
C ILE A 239 17.45 11.59 11.39
N THR A 240 17.51 12.93 11.35
CA THR A 240 17.20 13.73 12.53
C THR A 240 16.03 14.66 12.35
N ASP A 241 15.58 14.92 11.13
CA ASP A 241 14.47 15.84 10.91
C ASP A 241 13.61 15.33 9.77
N SER A 242 12.41 15.89 9.68
CA SER A 242 11.42 15.34 8.75
C SER A 242 11.73 15.65 7.30
N HIS A 243 12.42 16.77 7.02
CA HIS A 243 12.88 17.00 5.67
C HIS A 243 13.71 15.82 5.16
N GLN A 244 14.59 15.31 6.02
CA GLN A 244 15.43 14.18 5.65
C GLN A 244 14.59 12.93 5.36
N TRP A 245 13.58 12.67 6.21
CA TRP A 245 12.69 11.53 5.97
C TRP A 245 12.02 11.64 4.62
N ASN A 246 11.44 12.81 4.31
CA ASN A 246 10.74 12.99 3.05
C ASN A 246 11.70 12.83 1.87
N THR A 247 12.90 13.40 1.98
CA THR A 247 13.88 13.30 0.90
C THR A 247 14.24 11.86 0.63
N LEU A 248 14.59 11.11 1.68
CA LEU A 248 14.94 9.71 1.52
C LEU A 248 13.81 8.91 0.90
N LEU A 249 12.59 9.04 1.44
CA LEU A 249 11.50 8.20 0.97
C LEU A 249 11.03 8.58 -0.43
N SER A 250 11.39 9.78 -0.90
CA SER A 250 11.10 10.13 -2.30
C SER A 250 11.68 9.11 -3.27
N LEU A 251 12.82 8.52 -2.92
CA LEU A 251 13.43 7.51 -3.79
C LEU A 251 12.56 6.26 -3.85
N HIS A 252 11.94 5.90 -2.73
CA HIS A 252 11.04 4.76 -2.68
C HIS A 252 9.75 5.04 -3.45
N ASN A 253 9.15 6.21 -3.19
CA ASN A 253 7.93 6.56 -3.91
C ASN A 253 8.16 6.69 -5.41
N ALA A 254 9.33 7.20 -5.81
CA ALA A 254 9.62 7.34 -7.23
C ALA A 254 9.67 5.99 -7.94
N GLN A 255 10.31 4.98 -7.34
CA GLN A 255 10.31 3.66 -7.98
C GLN A 255 8.88 3.09 -8.07
N PHE A 256 8.05 3.33 -7.06
CA PHE A 256 6.68 2.80 -7.12
C PHE A 256 5.89 3.49 -8.23
N TYR A 257 6.12 4.79 -8.39
CA TYR A 257 5.49 5.55 -9.46
C TYR A 257 5.78 4.90 -10.82
N LEU A 258 7.04 4.50 -11.05
CA LEU A 258 7.41 3.88 -12.31
C LEU A 258 6.91 2.45 -12.39
N LEU A 259 7.22 1.63 -11.38
CA LEU A 259 7.01 0.19 -11.53
C LEU A 259 5.56 -0.23 -11.25
N GLN A 260 4.86 0.46 -10.36
CA GLN A 260 3.57 -0.02 -9.90
C GLN A 260 2.41 0.87 -10.26
N ARG A 261 2.64 2.18 -10.50
CA ARG A 261 1.54 3.06 -10.86
C ARG A 261 1.35 3.19 -12.38
N THR A 262 2.40 2.98 -13.19
CA THR A 262 2.28 3.09 -14.64
C THR A 262 1.10 2.24 -15.12
N PRO A 263 0.09 2.84 -15.75
CA PRO A 263 -1.14 2.07 -16.06
C PRO A 263 -0.87 0.84 -16.90
N GLU A 264 0.15 0.88 -17.76
CA GLU A 264 0.44 -0.27 -18.61
C GLU A 264 0.81 -1.50 -17.79
N VAL A 265 1.26 -1.30 -16.56
CA VAL A 265 1.46 -2.37 -15.61
C VAL A 265 0.28 -2.49 -14.66
N ALA A 266 -0.14 -1.36 -14.09
CA ALA A 266 -1.11 -1.35 -12.99
C ALA A 266 -2.46 -1.95 -13.38
N ARG A 267 -2.97 -1.65 -14.58
CA ARG A 267 -4.29 -2.15 -14.92
C ARG A 267 -4.32 -3.68 -14.90
N SER A 268 -3.35 -4.32 -15.58
CA SER A 268 -3.25 -5.77 -15.58
C SER A 268 -3.13 -6.32 -14.15
N ARG A 269 -2.20 -5.76 -13.38
CA ARG A 269 -1.90 -6.33 -12.07
C ARG A 269 -3.05 -6.15 -11.09
N ALA A 270 -3.86 -5.12 -11.27
CA ALA A 270 -4.95 -4.82 -10.36
C ALA A 270 -6.29 -5.43 -10.79
N THR A 271 -6.34 -6.13 -11.92
CA THR A 271 -7.64 -6.53 -12.47
C THR A 271 -8.42 -7.45 -11.53
N PRO A 272 -7.85 -8.51 -10.96
CA PRO A 272 -8.64 -9.34 -10.04
C PRO A 272 -9.14 -8.57 -8.82
N LEU A 273 -8.30 -7.71 -8.27
CA LEU A 273 -8.73 -6.88 -7.14
C LEU A 273 -9.85 -5.94 -7.56
N LEU A 274 -9.76 -5.35 -8.76
CA LEU A 274 -10.85 -4.50 -9.25
C LEU A 274 -12.16 -5.27 -9.28
N ASP A 275 -12.14 -6.50 -9.81
CA ASP A 275 -13.37 -7.27 -9.90
C ASP A 275 -13.94 -7.56 -8.52
N LEU A 276 -13.07 -7.93 -7.57
CA LEU A 276 -13.50 -8.23 -6.22
C LEU A 276 -14.09 -6.99 -5.55
N ILE A 277 -13.40 -5.87 -5.66
CA ILE A 277 -13.91 -4.63 -5.06
C ILE A 277 -15.27 -4.29 -5.65
N LYS A 278 -15.40 -4.35 -6.98
CA LYS A 278 -16.69 -3.97 -7.55
C LYS A 278 -17.78 -4.96 -7.15
N THR A 279 -17.44 -6.24 -7.04
CA THR A 279 -18.38 -7.23 -6.51
C THR A 279 -18.86 -6.84 -5.11
N ALA A 280 -17.94 -6.43 -4.25
CA ALA A 280 -18.32 -6.12 -2.88
C ALA A 280 -19.16 -4.85 -2.79
N LEU A 281 -18.98 -3.93 -3.72
CA LEU A 281 -19.64 -2.63 -3.64
C LEU A 281 -20.99 -2.59 -4.35
N THR A 282 -21.30 -3.60 -5.16
CA THR A 282 -22.51 -3.51 -5.98
C THR A 282 -23.70 -4.05 -5.20
N PRO A 283 -24.80 -3.30 -5.13
CA PRO A 283 -26.00 -3.82 -4.47
C PRO A 283 -26.47 -5.07 -5.20
N HIS A 284 -26.77 -6.09 -4.44
CA HIS A 284 -27.03 -7.41 -5.01
C HIS A 284 -27.47 -8.33 -3.89
N PRO A 285 -28.42 -9.24 -4.14
CA PRO A 285 -28.73 -10.26 -3.15
C PRO A 285 -27.48 -10.97 -2.70
N PRO A 286 -27.21 -11.03 -1.39
CA PRO A 286 -25.98 -11.67 -0.91
C PRO A 286 -25.82 -13.08 -1.42
N GLN A 287 -24.58 -13.45 -1.71
CA GLN A 287 -24.29 -14.73 -2.33
C GLN A 287 -22.85 -15.15 -2.01
N LYS A 288 -22.68 -16.41 -1.62
CA LYS A 288 -21.34 -16.95 -1.40
C LYS A 288 -20.54 -16.88 -2.69
N GLN A 289 -19.33 -16.32 -2.61
CA GLN A 289 -18.53 -16.11 -3.81
C GLN A 289 -17.05 -16.41 -3.55
N ALA A 290 -16.16 -15.54 -4.06
CA ALA A 290 -14.73 -15.77 -3.93
C ALA A 290 -14.35 -16.08 -2.49
N TYR A 291 -13.49 -17.09 -2.32
CA TYR A 291 -13.02 -17.54 -1.01
C TYR A 291 -14.12 -18.10 -0.13
N GLY A 292 -15.32 -18.29 -0.67
CA GLY A 292 -16.44 -18.71 0.16
C GLY A 292 -17.02 -17.60 1.00
N VAL A 293 -16.71 -16.36 0.66
CA VAL A 293 -17.22 -15.17 1.33
C VAL A 293 -18.53 -14.79 0.67
N THR A 294 -19.55 -14.50 1.49
CA THR A 294 -20.80 -13.99 0.96
C THR A 294 -20.68 -12.49 0.72
N LEU A 295 -21.02 -12.07 -0.51
CA LEU A 295 -20.96 -10.68 -0.93
C LEU A 295 -22.26 -10.30 -1.63
N PRO A 296 -22.69 -9.04 -1.55
CA PRO A 296 -22.04 -7.97 -0.79
C PRO A 296 -22.32 -8.08 0.70
N THR A 297 -21.59 -7.31 1.53
CA THR A 297 -21.85 -7.30 2.95
C THR A 297 -21.45 -5.92 3.50
N SER A 298 -21.36 -5.81 4.82
CA SER A 298 -21.16 -4.50 5.44
C SER A 298 -19.71 -4.04 5.31
N VAL A 299 -18.77 -4.88 5.73
CA VAL A 299 -17.34 -4.52 5.77
C VAL A 299 -16.53 -5.66 5.19
N LEU A 300 -15.63 -5.34 4.27
CA LEU A 300 -14.70 -6.30 3.69
C LEU A 300 -13.30 -5.73 3.84
N PHE A 301 -12.45 -6.46 4.54
CA PHE A 301 -11.06 -6.08 4.73
C PHE A 301 -10.20 -7.03 3.90
N ILE A 302 -9.38 -6.47 3.00
CA ILE A 302 -8.48 -7.24 2.15
C ILE A 302 -7.05 -6.92 2.55
N ALA A 303 -6.29 -7.94 2.94
CA ALA A 303 -4.93 -7.72 3.45
C ALA A 303 -3.93 -8.10 2.36
N GLY A 304 -3.35 -7.08 1.72
CA GLY A 304 -2.41 -7.28 0.62
C GLY A 304 -1.13 -6.49 0.82
N HIS A 305 -0.66 -5.85 -0.27
CA HIS A 305 0.68 -5.29 -0.36
C HIS A 305 0.66 -3.86 -0.90
N ALA A 306 1.77 -3.15 -0.67
CA ALA A 306 1.91 -1.79 -1.20
C ALA A 306 1.69 -1.76 -2.70
N THR A 307 2.24 -2.75 -3.42
CA THR A 307 2.02 -2.85 -4.85
C THR A 307 0.54 -2.82 -5.19
N ASN A 308 -0.28 -3.57 -4.42
CA ASN A 308 -1.71 -3.59 -4.70
C ASN A 308 -2.29 -2.18 -4.60
N LEU A 309 -1.95 -1.47 -3.52
CA LEU A 309 -2.42 -0.10 -3.38
C LEU A 309 -1.98 0.76 -4.54
N ALA A 310 -0.70 0.65 -4.91
CA ALA A 310 -0.18 1.42 -6.02
C ALA A 310 -0.84 1.04 -7.33
N ASN A 311 -1.02 -0.27 -7.59
CA ASN A 311 -1.66 -0.72 -8.82
C ASN A 311 -3.07 -0.16 -8.95
N LEU A 312 -3.87 -0.28 -7.88
CA LEU A 312 -5.23 0.26 -7.90
C LEU A 312 -5.23 1.76 -8.16
N GLY A 313 -4.37 2.50 -7.43
CA GLY A 313 -4.24 3.92 -7.71
C GLY A 313 -3.93 4.21 -9.17
N GLY A 314 -2.99 3.46 -9.74
CA GLY A 314 -2.69 3.64 -11.15
C GLY A 314 -3.85 3.29 -12.06
N ALA A 315 -4.52 2.16 -11.79
CA ALA A 315 -5.61 1.73 -12.65
C ALA A 315 -6.79 2.69 -12.60
N LEU A 316 -7.06 3.25 -11.42
CA LEU A 316 -8.24 4.08 -11.20
C LEU A 316 -7.96 5.58 -11.26
N GLU A 317 -6.73 5.98 -11.57
CA GLU A 317 -6.34 7.38 -11.61
C GLU A 317 -6.66 8.07 -10.28
N LEU A 318 -6.14 7.47 -9.20
CA LEU A 318 -6.22 8.03 -7.86
C LEU A 318 -4.82 8.44 -7.45
N ASN A 319 -4.61 9.73 -7.18
CA ASN A 319 -3.32 10.24 -6.76
C ASN A 319 -3.40 10.70 -5.31
N TRP A 320 -2.28 10.58 -4.60
CA TRP A 320 -2.26 11.01 -3.22
C TRP A 320 -0.83 11.20 -2.74
N THR A 321 -0.67 12.15 -1.83
CA THR A 321 0.51 12.26 -0.99
C THR A 321 -0.01 12.31 0.45
N LEU A 322 0.72 11.72 1.39
CA LEU A 322 0.19 11.52 2.74
C LEU A 322 0.85 12.46 3.74
N PRO A 323 0.16 13.50 4.24
CA PRO A 323 0.78 14.44 5.18
C PRO A 323 1.25 13.74 6.45
N GLY A 324 2.52 13.95 6.80
CA GLY A 324 3.12 13.30 7.94
C GLY A 324 3.60 11.88 7.73
N GLN A 325 3.46 11.32 6.52
CA GLN A 325 3.85 9.94 6.27
C GLN A 325 4.70 9.89 4.99
N PRO A 326 6.03 9.84 5.12
CA PRO A 326 6.88 9.96 3.92
C PRO A 326 6.64 8.88 2.88
N ASP A 327 6.14 7.71 3.28
CA ASP A 327 5.95 6.59 2.36
C ASP A 327 4.53 6.65 1.79
N ASN A 328 4.42 6.84 0.46
CA ASN A 328 3.11 6.88 -0.19
C ASN A 328 2.29 5.62 0.03
N THR A 329 2.93 4.50 0.32
CA THR A 329 2.26 3.21 0.48
C THR A 329 2.72 2.55 1.78
N PRO A 330 2.32 3.11 2.92
CA PRO A 330 2.96 2.76 4.18
C PRO A 330 2.41 1.47 4.77
N PRO A 331 3.11 0.86 5.71
CA PRO A 331 2.57 -0.34 6.38
C PRO A 331 1.24 -0.02 7.02
N GLY A 332 0.24 -0.82 6.71
CA GLY A 332 -1.10 -0.57 7.22
C GLY A 332 -1.90 0.48 6.47
N GLY A 333 -1.30 1.16 5.49
CA GLY A 333 -2.07 2.11 4.71
C GLY A 333 -3.27 1.44 4.07
N GLU A 334 -4.40 2.14 4.05
CA GLU A 334 -5.66 1.58 3.57
C GLU A 334 -6.20 2.44 2.44
N LEU A 335 -6.51 1.82 1.30
CA LEU A 335 -7.35 2.44 0.29
C LEU A 335 -8.78 2.03 0.61
N VAL A 336 -9.62 3.02 0.93
CA VAL A 336 -10.94 2.77 1.52
C VAL A 336 -12.00 3.13 0.49
N PHE A 337 -12.75 2.13 0.05
CA PHE A 337 -13.87 2.32 -0.87
C PHE A 337 -15.16 2.23 -0.07
N GLU A 338 -16.07 3.18 -0.26
CA GLU A 338 -17.34 3.21 0.44
C GLU A 338 -18.46 3.43 -0.56
N ARG A 339 -19.57 2.72 -0.37
CA ARG A 339 -20.81 3.00 -1.08
C ARG A 339 -21.73 3.75 -0.12
N TRP A 340 -22.20 4.90 -0.56
CA TRP A 340 -23.07 5.77 0.22
C TRP A 340 -24.38 5.91 -0.51
N ARG A 341 -25.48 5.89 0.22
CA ARG A 341 -26.80 6.18 -0.35
C ARG A 341 -27.17 7.62 0.00
N ARG A 342 -27.46 8.42 -1.02
CA ARG A 342 -27.93 9.78 -0.79
C ARG A 342 -29.41 9.74 -0.42
N LEU A 343 -29.76 10.37 0.72
CA LEU A 343 -31.10 10.23 1.25
C LEU A 343 -32.14 10.98 0.43
N SER A 344 -31.76 12.09 -0.21
CA SER A 344 -32.73 12.92 -0.91
C SER A 344 -33.42 12.15 -2.04
N ASP A 345 -32.65 11.34 -2.80
CA ASP A 345 -33.21 10.63 -3.93
C ASP A 345 -32.83 9.15 -3.95
N ASN A 346 -32.20 8.64 -2.89
CA ASN A 346 -31.81 7.24 -2.77
C ASN A 346 -30.86 6.79 -3.88
N SER A 347 -30.05 7.71 -4.41
CA SER A 347 -29.01 7.36 -5.37
C SER A 347 -27.79 6.80 -4.65
N GLN A 348 -26.96 6.08 -5.41
CA GLN A 348 -25.81 5.36 -4.86
C GLN A 348 -24.51 6.02 -5.34
N TRP A 349 -23.55 6.11 -4.43
CA TRP A 349 -22.33 6.87 -4.68
C TRP A 349 -21.15 6.12 -4.08
N ILE A 350 -19.98 6.29 -4.71
CA ILE A 350 -18.74 5.64 -4.28
C ILE A 350 -17.75 6.73 -3.89
N GLN A 351 -17.22 6.63 -2.68
CA GLN A 351 -16.16 7.51 -2.22
C GLN A 351 -14.89 6.68 -1.99
N VAL A 352 -13.74 7.26 -2.32
CA VAL A 352 -12.46 6.61 -2.12
C VAL A 352 -11.59 7.54 -1.28
N SER A 353 -10.87 6.96 -0.31
CA SER A 353 -10.03 7.70 0.61
C SER A 353 -8.79 6.86 0.91
N LEU A 354 -7.76 7.50 1.43
CA LEU A 354 -6.58 6.76 1.85
C LEU A 354 -6.35 7.07 3.31
N VAL A 355 -6.48 6.05 4.16
CA VAL A 355 -6.31 6.16 5.61
C VAL A 355 -4.97 5.58 5.98
N PHE A 356 -4.29 6.19 6.93
CA PHE A 356 -2.90 5.82 7.23
C PHE A 356 -2.47 6.40 8.56
N GLN A 357 -1.57 5.70 9.25
CA GLN A 357 -0.87 6.27 10.41
C GLN A 357 0.25 7.19 9.95
N THR A 358 0.35 8.37 10.55
CA THR A 358 1.52 9.19 10.33
C THR A 358 2.76 8.46 10.85
N LEU A 359 3.93 8.86 10.37
CA LEU A 359 5.14 8.22 10.86
C LEU A 359 5.29 8.40 12.37
N GLN A 360 4.89 9.58 12.87
CA GLN A 360 4.98 9.82 14.30
C GLN A 360 4.00 8.94 15.06
N GLN A 361 2.79 8.74 14.51
CA GLN A 361 1.83 7.81 15.11
C GLN A 361 2.40 6.40 15.19
N MET A 362 3.15 5.97 14.17
CA MET A 362 3.81 4.67 14.30
C MET A 362 4.97 4.75 15.27
N ARG A 363 5.74 5.84 15.22
CA ARG A 363 6.90 5.98 16.10
C ARG A 363 6.49 5.93 17.57
N ASP A 364 5.42 6.65 17.92
CA ASP A 364 4.96 6.72 19.31
C ASP A 364 4.01 5.59 19.68
N LYS A 365 3.65 4.74 18.73
CA LYS A 365 2.67 3.68 18.97
C LYS A 365 1.40 4.28 19.53
N THR A 366 0.86 5.25 18.81
CA THR A 366 -0.25 6.07 19.26
C THR A 366 -1.56 5.31 19.11
N PRO A 367 -2.24 4.92 20.19
CA PRO A 367 -3.57 4.34 20.03
C PRO A 367 -4.49 5.33 19.34
N LEU A 368 -5.30 4.81 18.42
CA LEU A 368 -6.18 5.61 17.58
C LEU A 368 -7.62 5.58 18.08
N SER A 369 -8.36 6.65 17.75
CA SER A 369 -9.74 6.80 18.20
C SER A 369 -10.35 7.98 17.46
N LEU A 370 -11.60 8.30 17.83
CA LEU A 370 -12.26 9.42 17.18
C LEU A 370 -11.55 10.73 17.51
N ASN A 371 -11.05 10.89 18.73
CA ASN A 371 -10.35 12.13 19.04
C ASN A 371 -8.90 12.12 18.62
N THR A 372 -8.32 10.95 18.34
CA THR A 372 -6.97 10.83 17.79
C THR A 372 -7.01 9.92 16.58
N PRO A 373 -7.56 10.40 15.46
CA PRO A 373 -7.75 9.54 14.29
C PRO A 373 -6.45 9.37 13.52
N PRO A 374 -6.36 8.33 12.70
CA PRO A 374 -5.28 8.27 11.72
C PRO A 374 -5.41 9.42 10.73
N GLY A 375 -4.34 9.65 9.97
CA GLY A 375 -4.44 10.54 8.83
C GLY A 375 -5.42 10.00 7.79
N GLU A 376 -5.87 10.90 6.93
CA GLU A 376 -6.90 10.55 5.95
C GLU A 376 -6.89 11.54 4.80
N VAL A 377 -6.83 11.04 3.56
CA VAL A 377 -6.88 11.89 2.38
C VAL A 377 -8.10 11.49 1.57
N LYS A 378 -8.96 12.48 1.28
CA LYS A 378 -10.04 12.28 0.32
C LYS A 378 -9.47 12.19 -1.09
N LEU A 379 -9.86 11.17 -1.82
CA LEU A 379 -9.41 10.99 -3.18
C LEU A 379 -10.52 11.33 -4.16
N THR A 380 -10.12 11.62 -5.38
CA THR A 380 -11.04 11.73 -6.51
C THR A 380 -10.66 10.71 -7.56
N LEU A 381 -11.67 10.17 -8.24
CA LEU A 381 -11.45 9.36 -9.43
C LEU A 381 -11.27 10.31 -10.61
N ALA A 382 -10.05 10.39 -11.14
CA ALA A 382 -9.75 11.39 -12.17
C ALA A 382 -10.69 11.27 -13.37
N GLY A 383 -11.10 10.04 -13.70
CA GLY A 383 -11.93 9.83 -14.88
C GLY A 383 -13.43 9.95 -14.67
N CYS A 384 -13.90 10.26 -13.47
CA CYS A 384 -15.33 10.24 -13.19
C CYS A 384 -16.03 11.47 -13.76
N GLU A 385 -17.12 11.24 -14.49
CA GLU A 385 -17.87 12.31 -15.11
C GLU A 385 -19.17 12.67 -14.39
N GLU A 386 -19.53 11.94 -13.32
CA GLU A 386 -20.79 12.15 -12.62
C GLU A 386 -20.48 12.14 -11.13
N ARG A 387 -20.29 13.32 -10.55
CA ARG A 387 -19.90 13.48 -9.16
C ARG A 387 -21.01 14.18 -8.38
N ASN A 388 -21.10 13.92 -7.09
CA ASN A 388 -22.04 14.62 -6.24
C ASN A 388 -21.31 15.75 -5.50
N ALA A 389 -22.01 16.47 -4.62
CA ALA A 389 -21.43 17.63 -3.96
C ALA A 389 -20.17 17.27 -3.16
N GLN A 390 -20.08 16.03 -2.67
CA GLN A 390 -18.95 15.60 -1.85
C GLN A 390 -17.80 15.03 -2.66
N GLY A 391 -17.89 15.05 -4.00
CA GLY A 391 -16.81 14.54 -4.81
C GLY A 391 -16.89 13.05 -5.10
N MET A 392 -17.91 12.36 -4.61
CA MET A 392 -18.04 10.92 -4.86
C MET A 392 -18.44 10.69 -6.31
N CYS A 393 -18.15 9.48 -6.79
CA CYS A 393 -18.54 9.10 -8.14
C CYS A 393 -19.82 8.27 -8.08
N SER A 394 -20.74 8.51 -9.01
CA SER A 394 -21.96 7.73 -9.05
C SER A 394 -21.63 6.24 -9.19
N LEU A 395 -22.51 5.39 -8.66
CA LEU A 395 -22.29 3.95 -8.80
C LEU A 395 -22.12 3.56 -10.26
N ALA A 396 -22.99 4.09 -11.13
CA ALA A 396 -22.88 3.77 -12.55
C ALA A 396 -21.54 4.25 -13.11
N GLY A 397 -21.15 5.48 -12.74
CA GLY A 397 -19.88 6.01 -13.23
C GLY A 397 -18.68 5.22 -12.74
N PHE A 398 -18.71 4.83 -11.46
CA PHE A 398 -17.65 3.97 -10.94
C PHE A 398 -17.58 2.66 -11.72
N THR A 399 -18.73 2.05 -11.98
CA THR A 399 -18.76 0.79 -12.72
C THR A 399 -18.15 0.94 -14.11
N GLN A 400 -18.45 2.02 -14.82
CA GLN A 400 -17.85 2.25 -16.13
C GLN A 400 -16.33 2.42 -16.02
N ILE A 401 -15.87 3.20 -15.03
CA ILE A 401 -14.43 3.37 -14.85
C ILE A 401 -13.77 2.01 -14.63
N VAL A 402 -14.35 1.17 -13.77
CA VAL A 402 -13.76 -0.14 -13.53
C VAL A 402 -13.81 -0.99 -14.78
N ASN A 403 -14.92 -0.92 -15.53
CA ASN A 403 -15.04 -1.75 -16.73
C ASN A 403 -14.03 -1.36 -17.80
N GLU A 404 -13.69 -0.08 -17.88
CA GLU A 404 -12.69 0.38 -18.85
C GLU A 404 -11.27 0.13 -18.35
N ALA A 405 -11.05 0.27 -17.05
CA ALA A 405 -9.71 0.12 -16.48
C ALA A 405 -9.24 -1.34 -16.50
N ARG A 406 -10.14 -2.28 -16.21
CA ARG A 406 -9.73 -3.68 -16.08
C ARG A 406 -9.29 -4.25 -17.43
N ILE A 407 -8.44 -5.28 -17.38
CA ILE A 407 -7.95 -5.97 -18.55
C ILE A 407 -8.57 -7.38 -18.55
N PRO A 408 -9.52 -7.68 -19.45
CA PRO A 408 -10.22 -8.98 -19.36
C PRO A 408 -9.28 -10.17 -19.32
N ALA A 409 -8.14 -10.12 -20.01
CA ALA A 409 -7.23 -11.26 -20.05
C ALA A 409 -6.56 -11.53 -18.71
N CYS A 410 -6.58 -10.59 -17.77
CA CYS A 410 -5.99 -10.77 -16.45
C CYS A 410 -7.01 -11.13 -15.38
N SER A 411 -8.27 -11.41 -15.75
CA SER A 411 -9.30 -11.69 -14.76
C SER A 411 -9.30 -13.17 -14.36
N LEU A 412 -9.83 -13.43 -13.17
CA LEU A 412 -9.95 -14.79 -12.67
C LEU A 412 -11.32 -15.35 -13.03
NI NI B . 14.07 15.14 -17.47
#